data_6LVM
#
_entry.id   6LVM
#
_cell.length_a   48.143
_cell.length_b   61.225
_cell.length_c   59.645
_cell.angle_alpha   90.000
_cell.angle_beta   112.980
_cell.angle_gamma   90.000
#
_symmetry.space_group_name_H-M   'P 1 21 1'
#
loop_
_entity.id
_entity.type
_entity.pdbx_description
1 polymer 'Fibroblast growth factor receptor 3'
2 non-polymer 2-[[5-[2-(3,5-dimethoxyphenyl)ethyl]-2-[[3-methoxy-4-[4-(4-methylpiperazin-1-yl)piperidin-1-yl]phenyl]amino]pyrimidin-4-yl]amino]-N-ethyl-benzenesulfonamide
3 water water
#
_entity_poly.entity_id   1
_entity_poly.type   'polypeptide(L)'
_entity_poly.pdbx_seq_one_letter_code
;GSHMLAGVSEYELPEDPKWEFPRDKLTLGKPLGEGCFGQVVMAEAIGIDKDRAAKPVTVAVKMLKDDATDKDLSDLVSEM
EMMKMIGKHKNIINLLGACTQGGPLYVLVEYAAKGNLREFLRARRPPGLD(PTR)SFDTCKPPEEQLTFKDLVSCAYQVA
RGMEYLASQKCIHRDLAARNVLVTEDNVMKIADFGLARDVHNLD(PTR)(PTR)KKTTNGRLPVKWMAPEALFDRVYTHQ
SDVWSFGVLLWEIFTLGGSPYPGIPVEELFKLLKEGHRMDKPANCTHDLYMIMRECWHAAPSQRPTFKQLVEDLDRVLTV
TSTDE
;
_entity_poly.pdbx_strand_id   A
#
# COMPACT_ATOMS: atom_id res chain seq x y z
N PRO A 14 -6.98 24.96 7.66
CA PRO A 14 -6.62 25.27 9.05
C PRO A 14 -5.13 25.04 9.29
N GLU A 15 -4.56 25.79 10.23
CA GLU A 15 -3.13 25.66 10.52
C GLU A 15 -2.86 24.43 11.38
N ASP A 16 -1.63 23.92 11.26
CA ASP A 16 -1.12 22.85 12.11
C ASP A 16 0.39 23.07 12.20
N PRO A 17 0.84 23.99 13.08
CA PRO A 17 2.25 24.38 13.17
C PRO A 17 3.26 23.25 13.37
N LYS A 18 2.85 22.15 14.02
CA LYS A 18 3.78 21.08 14.33
C LYS A 18 4.23 20.35 13.07
N TRP A 19 3.33 20.25 12.08
CA TRP A 19 3.62 19.58 10.82
C TRP A 19 4.10 20.57 9.78
N GLU A 20 3.89 21.87 10.02
CA GLU A 20 4.14 22.87 8.99
C GLU A 20 5.64 22.86 8.65
N PHE A 21 5.94 22.95 7.35
CA PHE A 21 7.32 22.94 6.90
C PHE A 21 7.57 24.16 6.01
N PRO A 22 8.77 24.79 6.08
CA PRO A 22 9.02 26.06 5.38
C PRO A 22 9.35 25.90 3.91
N ARG A 23 8.64 26.67 3.05
CA ARG A 23 8.70 26.51 1.61
C ARG A 23 10.13 26.65 1.10
N ASP A 24 10.87 27.61 1.69
CA ASP A 24 12.17 28.02 1.20
C ASP A 24 13.21 26.94 1.46
N LYS A 25 12.80 25.89 2.20
CA LYS A 25 13.72 24.82 2.54
C LYS A 25 13.51 23.59 1.67
N LEU A 26 12.56 23.69 0.73
CA LEU A 26 12.14 22.59 -0.11
C LEU A 26 12.47 22.91 -1.57
N THR A 27 13.29 22.06 -2.20
CA THR A 27 13.52 22.14 -3.64
C THR A 27 12.91 20.91 -4.31
N LEU A 28 11.84 21.13 -5.09
CA LEU A 28 11.18 20.08 -5.83
C LEU A 28 12.12 19.58 -6.92
N GLY A 29 12.15 18.24 -7.12
CA GLY A 29 13.03 17.54 -8.05
C GLY A 29 12.27 16.62 -9.01
N LYS A 30 12.91 15.50 -9.38
CA LYS A 30 12.46 14.65 -10.47
C LYS A 30 11.08 14.07 -10.15
N PRO A 31 10.10 14.13 -11.08
CA PRO A 31 8.82 13.44 -10.90
C PRO A 31 8.98 11.92 -10.82
N LEU A 32 8.06 11.28 -10.10
CA LEU A 32 8.18 9.87 -9.79
C LEU A 32 7.04 9.13 -10.45
N GLY A 33 5.91 9.84 -10.62
CA GLY A 33 4.72 9.31 -11.23
C GLY A 33 3.50 9.99 -10.64
N GLU A 34 2.31 9.48 -10.91
CA GLU A 34 1.15 10.10 -10.30
C GLU A 34 0.18 9.03 -9.79
N GLY A 35 -0.45 9.35 -8.65
CA GLY A 35 -1.55 8.59 -8.10
C GLY A 35 -2.89 9.21 -8.50
N CYS A 36 -3.89 8.95 -7.67
CA CYS A 36 -5.29 9.21 -7.96
C CYS A 36 -5.63 10.68 -7.68
N PHE A 37 -5.13 11.20 -6.54
CA PHE A 37 -5.47 12.53 -6.05
C PHE A 37 -4.36 13.52 -6.34
N GLY A 38 -3.19 13.02 -6.74
CA GLY A 38 -2.06 13.90 -6.91
C GLY A 38 -0.91 13.19 -7.62
N GLN A 39 0.17 13.96 -7.86
CA GLN A 39 1.39 13.50 -8.47
C GLN A 39 2.50 13.55 -7.44
N VAL A 40 3.57 12.77 -7.66
CA VAL A 40 4.63 12.71 -6.67
C VAL A 40 5.92 13.17 -7.33
N VAL A 41 6.70 13.99 -6.61
CA VAL A 41 8.06 14.27 -7.06
C VAL A 41 9.04 13.95 -5.94
N MET A 42 10.26 13.59 -6.34
CA MET A 42 11.42 13.66 -5.45
C MET A 42 11.64 15.12 -5.06
N ALA A 43 12.22 15.35 -3.87
CA ALA A 43 12.53 16.69 -3.41
C ALA A 43 13.62 16.66 -2.34
N GLU A 44 14.25 17.81 -2.15
CA GLU A 44 15.26 18.02 -1.13
C GLU A 44 14.68 18.96 -0.07
N ALA A 45 14.67 18.48 1.17
CA ALA A 45 14.09 19.18 2.31
C ALA A 45 15.17 19.35 3.38
N ILE A 46 15.57 20.60 3.62
CA ILE A 46 16.71 20.88 4.48
C ILE A 46 16.25 20.86 5.94
N GLY A 47 16.90 20.01 6.73
CA GLY A 47 16.68 19.92 8.17
C GLY A 47 15.35 19.25 8.51
N ILE A 48 14.88 18.42 7.58
CA ILE A 48 13.69 17.61 7.84
C ILE A 48 14.02 16.73 9.03
N ASP A 49 15.29 16.32 9.09
CA ASP A 49 15.80 15.51 10.18
C ASP A 49 15.97 16.42 11.40
N LYS A 50 14.81 16.80 11.96
CA LYS A 50 14.70 17.52 13.21
C LYS A 50 15.55 16.78 14.23
N ASP A 51 16.69 17.38 14.57
CA ASP A 51 17.78 16.66 15.20
C ASP A 51 19.08 17.28 14.70
N ARG A 52 19.52 16.88 13.50
CA ARG A 52 20.55 17.61 12.78
C ARG A 52 20.40 17.36 11.28
N ALA A 53 20.05 18.41 10.51
CA ALA A 53 19.56 19.71 10.95
C ALA A 53 19.89 20.76 9.90
N ALA A 54 21.13 20.72 9.40
CA ALA A 54 21.47 21.56 8.26
C ALA A 54 21.56 20.70 7.01
N LYS A 55 21.21 19.42 7.16
CA LYS A 55 21.45 18.49 6.07
C LYS A 55 20.17 18.19 5.30
N PRO A 56 20.25 18.21 3.94
CA PRO A 56 19.08 18.03 3.08
C PRO A 56 18.72 16.55 3.00
N VAL A 57 17.47 16.22 3.31
CA VAL A 57 17.02 14.84 3.21
C VAL A 57 16.17 14.68 1.95
N THR A 58 16.35 13.55 1.25
CA THR A 58 15.53 13.30 0.08
C THR A 58 14.19 12.78 0.57
N VAL A 59 13.12 13.44 0.11
CA VAL A 59 11.78 13.07 0.50
C VAL A 59 10.94 12.98 -0.77
N ALA A 60 9.75 12.40 -0.62
CA ALA A 60 8.76 12.45 -1.68
C ALA A 60 7.78 13.58 -1.35
N VAL A 61 7.29 14.25 -2.39
CA VAL A 61 6.26 15.27 -2.25
C VAL A 61 5.07 14.95 -3.13
N LYS A 62 3.90 14.88 -2.48
CA LYS A 62 2.64 14.67 -3.14
C LYS A 62 1.95 16.02 -3.24
N MET A 63 1.46 16.34 -4.44
CA MET A 63 0.80 17.60 -4.73
C MET A 63 -0.27 17.34 -5.78
N LEU A 64 -1.17 18.31 -5.94
CA LEU A 64 -2.22 18.27 -6.95
C LEU A 64 -1.63 17.99 -8.34
N LYS A 65 -2.39 17.24 -9.15
CA LYS A 65 -2.11 17.04 -10.56
C LYS A 65 -2.43 18.33 -11.31
N ASP A 66 -2.04 18.41 -12.58
CA ASP A 66 -2.29 19.59 -13.39
C ASP A 66 -3.76 19.78 -13.75
N ASP A 67 -4.57 18.71 -13.69
CA ASP A 67 -5.96 18.77 -14.11
C ASP A 67 -6.88 18.55 -12.91
N ALA A 68 -6.53 19.12 -11.75
CA ALA A 68 -7.04 18.68 -10.47
C ALA A 68 -8.41 19.29 -10.19
N THR A 69 -9.32 18.46 -9.67
CA THR A 69 -10.66 18.89 -9.31
C THR A 69 -10.63 19.37 -7.86
N ASP A 70 -11.73 20.00 -7.42
CA ASP A 70 -11.92 20.37 -6.02
C ASP A 70 -11.89 19.14 -5.12
N LYS A 71 -12.34 17.99 -5.65
CA LYS A 71 -12.42 16.77 -4.86
C LYS A 71 -11.02 16.21 -4.61
N ASP A 72 -10.17 16.23 -5.64
CA ASP A 72 -8.78 15.82 -5.50
C ASP A 72 -8.13 16.58 -4.34
N LEU A 73 -8.42 17.89 -4.22
CA LEU A 73 -7.81 18.65 -3.15
C LEU A 73 -8.28 18.14 -1.79
N SER A 74 -9.59 17.93 -1.63
CA SER A 74 -10.15 17.52 -0.34
C SER A 74 -9.70 16.09 0.00
N ASP A 75 -9.52 15.27 -1.03
CA ASP A 75 -9.05 13.90 -0.86
C ASP A 75 -7.58 13.88 -0.43
N LEU A 76 -6.77 14.79 -0.99
CA LEU A 76 -5.35 14.83 -0.67
C LEU A 76 -5.13 15.30 0.78
N VAL A 77 -5.93 16.28 1.22
CA VAL A 77 -5.92 16.76 2.59
C VAL A 77 -6.36 15.63 3.52
N SER A 78 -7.44 14.93 3.13
CA SER A 78 -8.01 13.87 3.92
C SER A 78 -6.98 12.73 4.06
N GLU A 79 -6.20 12.52 2.98
CA GLU A 79 -5.15 11.51 2.98
C GLU A 79 -4.03 11.93 3.93
N MET A 80 -3.73 13.24 3.94
CA MET A 80 -2.73 13.80 4.84
C MET A 80 -3.17 13.53 6.27
N GLU A 81 -4.43 13.81 6.55
CA GLU A 81 -4.97 13.62 7.88
C GLU A 81 -4.95 12.14 8.27
N MET A 82 -5.36 11.27 7.34
CA MET A 82 -5.36 9.82 7.55
C MET A 82 -3.99 9.38 8.05
N MET A 83 -2.94 10.16 7.72
CA MET A 83 -1.59 9.77 8.05
C MET A 83 -1.22 10.32 9.43
N LYS A 84 -1.67 11.55 9.71
CA LYS A 84 -1.41 12.18 10.99
C LYS A 84 -2.04 11.34 12.08
N MET A 85 -3.24 10.82 11.81
CA MET A 85 -3.97 10.00 12.77
C MET A 85 -3.11 8.79 13.11
N ILE A 86 -3.00 7.87 12.14
CA ILE A 86 -2.44 6.53 12.22
C ILE A 86 -1.26 6.39 13.20
N GLY A 87 -0.30 7.31 13.13
CA GLY A 87 0.88 7.23 13.99
C GLY A 87 2.02 6.53 13.25
N LYS A 88 3.20 6.47 13.87
CA LYS A 88 4.39 5.97 13.19
C LYS A 88 4.46 4.44 13.29
N HIS A 89 4.92 3.80 12.20
CA HIS A 89 5.22 2.38 12.15
C HIS A 89 6.27 2.11 11.08
N LYS A 90 7.18 1.17 11.38
CA LYS A 90 8.31 0.85 10.52
C LYS A 90 7.84 0.40 9.14
N ASN A 91 6.65 -0.20 9.07
CA ASN A 91 6.18 -0.81 7.83
C ASN A 91 5.13 0.07 7.15
N ILE A 92 5.17 1.37 7.46
CA ILE A 92 4.22 2.31 6.88
C ILE A 92 4.99 3.53 6.43
N ILE A 93 4.63 4.06 5.25
CA ILE A 93 5.25 5.29 4.79
C ILE A 93 4.90 6.39 5.78
N ASN A 94 5.90 7.12 6.28
CA ASN A 94 5.61 8.12 7.32
C ASN A 94 5.54 9.55 6.78
N LEU A 95 4.52 10.26 7.25
CA LEU A 95 4.39 11.70 7.10
C LEU A 95 5.57 12.40 7.76
N LEU A 96 6.04 13.45 7.13
CA LEU A 96 7.26 14.13 7.56
C LEU A 96 6.96 15.61 7.77
N GLY A 97 5.95 16.11 7.06
CA GLY A 97 5.59 17.51 7.11
C GLY A 97 4.75 17.90 5.91
N ALA A 98 4.46 19.20 5.81
CA ALA A 98 3.48 19.72 4.88
C ALA A 98 3.61 21.24 4.77
N CYS A 99 3.82 21.74 3.55
CA CYS A 99 3.60 23.15 3.23
C CYS A 99 2.12 23.31 2.86
N THR A 100 1.36 23.93 3.78
CA THR A 100 -0.07 24.09 3.63
C THR A 100 -0.41 25.57 3.54
N GLN A 101 0.60 26.45 3.63
CA GLN A 101 0.37 27.89 3.79
C GLN A 101 1.11 28.69 2.72
N GLY A 102 0.36 29.57 2.03
CA GLY A 102 0.90 30.50 1.06
C GLY A 102 1.59 29.82 -0.12
N GLY A 103 0.80 29.13 -0.94
CA GLY A 103 1.34 28.33 -2.02
C GLY A 103 0.60 27.00 -2.06
N PRO A 104 0.84 26.16 -3.11
CA PRO A 104 0.08 24.92 -3.26
C PRO A 104 0.37 24.00 -2.08
N LEU A 105 -0.57 23.12 -1.75
CA LEU A 105 -0.36 22.02 -0.83
C LEU A 105 0.79 21.13 -1.29
N TYR A 106 1.83 21.03 -0.46
CA TYR A 106 2.84 20.00 -0.66
C TYR A 106 2.84 19.07 0.55
N VAL A 107 2.68 17.76 0.32
CA VAL A 107 2.71 16.83 1.44
C VAL A 107 4.02 16.05 1.39
N LEU A 108 4.81 16.16 2.46
CA LEU A 108 6.18 15.66 2.54
C LEU A 108 6.20 14.32 3.27
N VAL A 109 6.90 13.34 2.70
CA VAL A 109 6.70 11.95 3.05
C VAL A 109 8.01 11.20 2.84
N GLU A 110 8.25 10.13 3.61
CA GLU A 110 9.50 9.39 3.44
C GLU A 110 9.63 8.89 2.01
N TYR A 111 10.84 9.04 1.48
CA TYR A 111 11.19 8.55 0.16
C TYR A 111 11.55 7.07 0.21
N ALA A 112 10.89 6.26 -0.62
CA ALA A 112 11.32 4.89 -0.85
C ALA A 112 12.13 4.83 -2.15
N ALA A 113 13.42 4.59 -2.02
CA ALA A 113 14.36 4.65 -3.15
C ALA A 113 14.08 3.56 -4.17
N LYS A 114 13.67 2.38 -3.69
CA LYS A 114 13.64 1.22 -4.56
C LYS A 114 12.27 1.04 -5.22
N GLY A 115 11.43 2.09 -5.23
CA GLY A 115 10.16 2.06 -5.94
C GLY A 115 9.10 1.16 -5.28
N ASN A 116 8.07 0.81 -6.04
CA ASN A 116 7.01 -0.06 -5.54
C ASN A 116 7.40 -1.54 -5.65
N LEU A 117 6.64 -2.40 -4.95
CA LEU A 117 7.04 -3.78 -4.76
C LEU A 117 6.82 -4.58 -6.05
N ARG A 118 5.77 -4.22 -6.78
CA ARG A 118 5.43 -4.93 -8.01
C ARG A 118 6.63 -4.92 -8.95
N GLU A 119 7.22 -3.73 -9.17
CA GLU A 119 8.34 -3.54 -10.09
C GLU A 119 9.62 -4.04 -9.42
N PHE A 120 9.71 -3.87 -8.10
CA PHE A 120 10.83 -4.43 -7.36
C PHE A 120 10.92 -5.92 -7.70
N LEU A 121 9.81 -6.64 -7.50
CA LEU A 121 9.79 -8.07 -7.74
C LEU A 121 10.08 -8.35 -9.20
N ARG A 122 9.45 -7.59 -10.11
CA ARG A 122 9.58 -7.82 -11.54
C ARG A 122 11.03 -7.62 -11.97
N ALA A 123 11.69 -6.60 -11.38
CA ALA A 123 13.04 -6.21 -11.75
C ALA A 123 14.02 -7.33 -11.42
N ARG A 124 13.69 -8.16 -10.43
CA ARG A 124 14.63 -9.21 -10.09
C ARG A 124 14.04 -10.60 -10.40
N ARG A 125 13.31 -10.68 -11.50
CA ARG A 125 13.01 -11.98 -12.08
C ARG A 125 14.30 -12.49 -12.73
N PRO A 126 14.53 -13.81 -12.84
CA PRO A 126 15.70 -14.33 -13.55
C PRO A 126 15.59 -14.11 -15.06
N PRO A 127 16.58 -13.44 -15.73
CA PRO A 127 16.49 -13.04 -17.14
C PRO A 127 16.37 -14.18 -18.16
N GLY A 128 17.47 -14.59 -18.77
CA GLY A 128 17.40 -15.76 -19.63
C GLY A 128 18.35 -16.82 -19.11
N LEU A 129 18.90 -17.60 -20.04
CA LEU A 129 20.34 -17.85 -20.08
C LEU A 129 20.82 -17.13 -21.33
N ASP A 130 19.86 -16.92 -22.24
CA ASP A 130 20.08 -16.31 -23.54
C ASP A 130 19.98 -14.78 -23.42
N SER A 132 20.01 -10.96 -20.97
CA SER A 132 20.55 -10.20 -19.86
C SER A 132 19.88 -8.83 -19.84
N GLU A 141 21.43 -8.26 -5.72
CA GLU A 141 21.44 -9.74 -5.78
C GLU A 141 20.12 -10.26 -6.35
N GLN A 142 20.02 -11.58 -6.50
CA GLN A 142 18.77 -12.27 -6.78
C GLN A 142 17.85 -12.06 -5.58
N LEU A 143 16.79 -12.87 -5.51
CA LEU A 143 15.98 -12.94 -4.30
C LEU A 143 15.68 -14.39 -3.97
N THR A 144 15.63 -14.68 -2.68
CA THR A 144 15.38 -16.03 -2.20
C THR A 144 13.89 -16.16 -1.86
N PHE A 145 13.44 -17.41 -1.81
CA PHE A 145 12.14 -17.69 -1.24
C PHE A 145 11.95 -16.97 0.11
N LYS A 146 13.03 -16.86 0.90
CA LYS A 146 12.89 -16.31 2.25
C LYS A 146 12.68 -14.81 2.13
N ASP A 147 13.34 -14.20 1.15
CA ASP A 147 13.13 -12.78 0.90
C ASP A 147 11.65 -12.49 0.64
N LEU A 148 11.00 -13.37 -0.11
CA LEU A 148 9.61 -13.16 -0.49
C LEU A 148 8.70 -13.26 0.73
N VAL A 149 8.99 -14.19 1.64
CA VAL A 149 8.12 -14.40 2.79
C VAL A 149 8.25 -13.22 3.75
N SER A 150 9.46 -12.68 3.84
CA SER A 150 9.79 -11.47 4.59
C SER A 150 8.93 -10.28 4.15
N CYS A 151 8.82 -10.04 2.84
CA CYS A 151 7.99 -8.97 2.30
C CYS A 151 6.55 -9.18 2.73
N ALA A 152 6.08 -10.44 2.65
CA ALA A 152 4.71 -10.75 2.99
C ALA A 152 4.50 -10.37 4.45
N TYR A 153 5.45 -10.80 5.28
CA TYR A 153 5.39 -10.58 6.71
C TYR A 153 5.37 -9.08 7.01
N GLN A 154 6.32 -8.33 6.42
CA GLN A 154 6.42 -6.90 6.65
C GLN A 154 5.07 -6.23 6.38
N VAL A 155 4.43 -6.62 5.27
CA VAL A 155 3.16 -6.01 4.89
C VAL A 155 2.08 -6.44 5.88
N ALA A 156 2.20 -7.68 6.38
CA ALA A 156 1.22 -8.18 7.32
C ALA A 156 1.26 -7.33 8.59
N ARG A 157 2.49 -7.06 9.08
CA ARG A 157 2.76 -6.28 10.28
C ARG A 157 2.20 -4.86 10.17
N GLY A 158 2.44 -4.22 9.02
CA GLY A 158 1.97 -2.86 8.78
C GLY A 158 0.44 -2.78 8.77
N MET A 159 -0.20 -3.79 8.15
CA MET A 159 -1.65 -3.86 8.08
C MET A 159 -2.23 -4.17 9.46
N GLU A 160 -1.48 -4.94 10.25
CA GLU A 160 -1.85 -5.22 11.63
C GLU A 160 -1.86 -3.90 12.41
N TYR A 161 -0.79 -3.12 12.27
CA TYR A 161 -0.72 -1.86 12.98
C TYR A 161 -1.87 -0.96 12.54
N LEU A 162 -2.07 -0.89 11.22
CA LEU A 162 -3.08 -0.06 10.58
C LEU A 162 -4.47 -0.36 11.12
N ALA A 163 -4.80 -1.65 11.17
CA ALA A 163 -6.11 -2.13 11.58
C ALA A 163 -6.39 -1.69 13.01
N SER A 164 -5.41 -1.91 13.89
CA SER A 164 -5.52 -1.56 15.29
C SER A 164 -5.70 -0.05 15.51
N GLN A 165 -5.31 0.78 14.52
CA GLN A 165 -5.54 2.22 14.58
C GLN A 165 -6.89 2.53 13.98
N LYS A 166 -7.74 1.49 13.87
CA LYS A 166 -9.10 1.58 13.36
C LYS A 166 -9.07 2.40 12.07
N CYS A 167 -8.41 1.82 11.06
CA CYS A 167 -8.33 2.38 9.73
C CYS A 167 -8.26 1.22 8.73
N ILE A 168 -8.81 1.43 7.53
CA ILE A 168 -8.90 0.41 6.50
C ILE A 168 -8.14 0.96 5.31
N HIS A 169 -7.39 0.11 4.60
CA HIS A 169 -6.58 0.55 3.48
C HIS A 169 -7.40 0.68 2.19
N ARG A 170 -8.04 -0.43 1.78
CA ARG A 170 -8.94 -0.45 0.64
C ARG A 170 -8.17 -0.41 -0.69
N ASP A 171 -6.85 -0.42 -0.64
CA ASP A 171 -6.15 -0.35 -1.90
C ASP A 171 -4.88 -1.18 -1.85
N LEU A 172 -4.96 -2.31 -1.13
CA LEU A 172 -3.75 -3.03 -0.81
C LEU A 172 -3.40 -3.90 -2.01
N ALA A 173 -2.19 -3.69 -2.54
CA ALA A 173 -1.72 -4.31 -3.77
C ALA A 173 -0.23 -4.06 -3.84
N ALA A 174 0.52 -4.86 -4.61
CA ALA A 174 1.97 -4.72 -4.62
C ALA A 174 2.38 -3.31 -5.07
N ARG A 175 1.59 -2.68 -5.92
CA ARG A 175 1.98 -1.39 -6.44
C ARG A 175 1.85 -0.33 -5.35
N ASN A 176 1.27 -0.68 -4.18
CA ASN A 176 0.99 0.27 -3.13
C ASN A 176 1.83 0.01 -1.90
N VAL A 177 2.80 -0.90 -2.05
CA VAL A 177 3.87 -1.11 -1.08
C VAL A 177 5.11 -0.57 -1.75
N LEU A 178 5.95 0.13 -0.97
CA LEU A 178 7.14 0.76 -1.49
C LEU A 178 8.32 0.19 -0.73
N VAL A 179 9.52 0.27 -1.31
CA VAL A 179 10.66 -0.40 -0.73
C VAL A 179 11.76 0.64 -0.50
N THR A 180 12.27 0.70 0.73
CA THR A 180 13.36 1.59 1.07
C THR A 180 14.65 1.06 0.46
N GLU A 181 15.69 1.90 0.50
CA GLU A 181 17.07 1.51 0.19
C GLU A 181 17.44 0.28 0.99
N ASP A 182 16.76 0.06 2.11
CA ASP A 182 17.13 -1.02 3.02
C ASP A 182 16.26 -2.24 2.76
N ASN A 183 15.45 -2.19 1.71
CA ASN A 183 14.54 -3.28 1.39
C ASN A 183 13.47 -3.38 2.46
N VAL A 184 13.15 -2.26 3.11
CA VAL A 184 12.09 -2.29 4.09
C VAL A 184 10.78 -1.99 3.37
N MET A 185 9.78 -2.86 3.56
CA MET A 185 8.45 -2.66 3.01
C MET A 185 7.76 -1.56 3.79
N LYS A 186 7.09 -0.66 3.05
CA LYS A 186 6.40 0.48 3.64
C LYS A 186 5.07 0.60 2.90
N ILE A 187 3.95 0.38 3.62
CA ILE A 187 2.64 0.51 3.02
C ILE A 187 2.35 1.99 2.77
N ALA A 188 1.71 2.26 1.62
CA ALA A 188 1.44 3.61 1.18
C ALA A 188 0.06 3.66 0.53
N ASP A 189 -0.29 4.86 0.08
CA ASP A 189 -1.53 5.13 -0.62
C ASP A 189 -2.73 4.96 0.30
N PHE A 190 -2.89 5.96 1.17
CA PHE A 190 -4.07 6.06 2.02
C PHE A 190 -5.13 6.87 1.29
N GLY A 191 -5.09 6.80 -0.05
CA GLY A 191 -6.08 7.40 -0.94
C GLY A 191 -7.50 6.95 -0.63
N LEU A 192 -7.68 5.64 -0.42
CA LEU A 192 -9.00 5.10 -0.19
C LEU A 192 -9.15 4.68 1.28
N ALA A 193 -8.11 4.99 2.08
CA ALA A 193 -8.06 4.69 3.51
C ALA A 193 -9.16 5.43 4.27
N ARG A 194 -9.68 4.80 5.34
CA ARG A 194 -10.92 5.25 5.98
C ARG A 194 -10.82 5.04 7.47
N ASP A 195 -10.99 6.14 8.21
CA ASP A 195 -11.18 6.13 9.65
C ASP A 195 -12.50 5.44 10.00
N VAL A 196 -12.40 4.44 10.87
CA VAL A 196 -13.46 3.46 11.09
C VAL A 196 -13.72 3.31 12.59
N HIS A 197 -13.16 4.25 13.37
CA HIS A 197 -13.19 4.32 14.82
C HIS A 197 -14.61 4.17 15.35
N ASN A 198 -15.59 4.66 14.59
CA ASN A 198 -16.98 4.66 15.02
C ASN A 198 -17.55 3.24 14.94
N LEU A 199 -17.52 2.64 13.75
CA LEU A 199 -18.40 1.52 13.46
C LEU A 199 -17.62 0.21 13.34
N ASP A 200 -16.33 0.33 12.97
CA ASP A 200 -15.40 -0.78 12.75
C ASP A 200 -15.57 -1.39 11.34
N LYS A 203 -19.08 1.63 4.60
CA LYS A 203 -20.06 1.36 3.55
C LYS A 203 -19.97 2.47 2.51
N LYS A 204 -19.85 2.09 1.23
CA LYS A 204 -19.53 3.04 0.17
C LYS A 204 -20.79 3.79 -0.30
N THR A 205 -21.76 3.07 -0.86
CA THR A 205 -23.04 3.62 -1.33
C THR A 205 -22.87 4.62 -2.49
N THR A 206 -21.63 5.11 -2.69
CA THR A 206 -21.27 6.06 -3.73
C THR A 206 -20.65 5.30 -4.90
N ASN A 207 -20.34 6.01 -6.00
CA ASN A 207 -19.64 5.40 -7.12
C ASN A 207 -18.33 6.16 -7.39
N GLY A 208 -17.27 5.40 -7.71
CA GLY A 208 -15.95 5.92 -8.01
C GLY A 208 -15.05 4.84 -8.59
N ARG A 209 -13.78 5.18 -8.82
CA ARG A 209 -12.82 4.27 -9.46
C ARG A 209 -12.17 3.37 -8.39
N LEU A 210 -12.24 2.06 -8.62
CA LEU A 210 -11.98 1.04 -7.61
C LEU A 210 -10.97 -0.02 -8.09
N PRO A 211 -10.10 -0.56 -7.19
CA PRO A 211 -9.10 -1.56 -7.60
C PRO A 211 -9.69 -2.96 -7.59
N VAL A 212 -10.46 -3.27 -8.63
CA VAL A 212 -11.46 -4.32 -8.56
C VAL A 212 -10.82 -5.69 -8.41
N LYS A 213 -9.65 -5.89 -9.03
CA LYS A 213 -9.07 -7.22 -9.14
C LYS A 213 -8.47 -7.67 -7.81
N TRP A 214 -8.44 -6.75 -6.83
CA TRP A 214 -7.91 -7.00 -5.49
C TRP A 214 -9.03 -7.05 -4.47
N MET A 215 -10.30 -6.93 -4.93
CA MET A 215 -11.36 -6.59 -3.99
C MET A 215 -12.22 -7.81 -3.65
N ALA A 216 -12.56 -7.93 -2.36
CA ALA A 216 -13.34 -9.04 -1.85
C ALA A 216 -14.77 -8.93 -2.38
N PRO A 217 -15.45 -10.08 -2.64
CA PRO A 217 -16.80 -10.08 -3.21
C PRO A 217 -17.76 -9.19 -2.42
N GLU A 218 -17.73 -9.28 -1.10
CA GLU A 218 -18.67 -8.49 -0.31
C GLU A 218 -18.40 -7.01 -0.55
N ALA A 219 -17.14 -6.63 -0.75
CA ALA A 219 -16.77 -5.23 -0.94
C ALA A 219 -17.17 -4.79 -2.34
N LEU A 220 -17.01 -5.71 -3.30
CA LEU A 220 -17.25 -5.40 -4.69
C LEU A 220 -18.75 -5.36 -4.94
N PHE A 221 -19.42 -6.45 -4.56
CA PHE A 221 -20.84 -6.63 -4.81
C PHE A 221 -21.71 -5.85 -3.82
N ASP A 222 -21.29 -5.73 -2.55
CA ASP A 222 -22.19 -5.20 -1.53
C ASP A 222 -21.68 -3.90 -0.89
N ARG A 223 -20.45 -3.46 -1.24
CA ARG A 223 -19.92 -2.17 -0.84
C ARG A 223 -19.64 -2.13 0.67
N VAL A 224 -19.46 -3.31 1.28
CA VAL A 224 -19.10 -3.36 2.69
C VAL A 224 -17.59 -3.56 2.75
N TYR A 225 -16.91 -2.73 3.56
CA TYR A 225 -15.47 -2.82 3.72
C TYR A 225 -15.16 -3.09 5.18
N THR A 226 -14.09 -3.85 5.43
CA THR A 226 -13.68 -4.21 6.79
C THR A 226 -12.18 -4.52 6.75
N HIS A 227 -11.59 -4.72 7.92
CA HIS A 227 -10.24 -5.26 7.98
C HIS A 227 -10.21 -6.60 7.25
N GLN A 228 -11.41 -7.17 7.01
CA GLN A 228 -11.54 -8.52 6.47
C GLN A 228 -11.54 -8.48 4.95
N SER A 229 -11.98 -7.35 4.37
CA SER A 229 -11.82 -7.11 2.94
C SER A 229 -10.37 -6.73 2.62
N ASP A 230 -9.64 -6.15 3.56
CA ASP A 230 -8.23 -5.90 3.33
C ASP A 230 -7.50 -7.24 3.31
N VAL A 231 -7.98 -8.19 4.12
CA VAL A 231 -7.35 -9.48 4.27
C VAL A 231 -7.47 -10.23 2.94
N TRP A 232 -8.64 -10.13 2.32
CA TRP A 232 -8.80 -10.73 1.01
C TRP A 232 -7.78 -10.17 0.03
N SER A 233 -7.64 -8.84 0.01
CA SER A 233 -6.66 -8.14 -0.82
C SER A 233 -5.24 -8.59 -0.50
N PHE A 234 -4.91 -8.75 0.79
CA PHE A 234 -3.60 -9.23 1.17
C PHE A 234 -3.36 -10.59 0.51
N GLY A 235 -4.39 -11.43 0.51
CA GLY A 235 -4.40 -12.66 -0.29
C GLY A 235 -3.78 -12.43 -1.67
N VAL A 236 -4.32 -11.44 -2.38
CA VAL A 236 -3.91 -11.16 -3.75
C VAL A 236 -2.47 -10.66 -3.78
N LEU A 237 -2.08 -9.93 -2.74
CA LEU A 237 -0.71 -9.46 -2.68
C LEU A 237 0.25 -10.64 -2.46
N LEU A 238 -0.17 -11.64 -1.69
CA LEU A 238 0.61 -12.88 -1.59
C LEU A 238 0.84 -13.48 -2.98
N TRP A 239 -0.24 -13.65 -3.75
CA TRP A 239 -0.13 -14.18 -5.11
C TRP A 239 0.85 -13.35 -5.94
N GLU A 240 0.82 -12.01 -5.78
CA GLU A 240 1.68 -11.12 -6.53
C GLU A 240 3.13 -11.35 -6.13
N ILE A 241 3.39 -11.53 -4.82
CA ILE A 241 4.74 -11.71 -4.29
C ILE A 241 5.33 -12.98 -4.88
N PHE A 242 4.61 -14.09 -4.74
CA PHE A 242 5.13 -15.39 -5.11
C PHE A 242 5.14 -15.62 -6.62
N THR A 243 4.53 -14.72 -7.40
CA THR A 243 4.67 -14.82 -8.85
C THR A 243 5.69 -13.79 -9.32
N LEU A 244 6.21 -13.01 -8.35
CA LEU A 244 7.21 -11.99 -8.61
C LEU A 244 6.60 -10.89 -9.44
N GLY A 245 5.42 -10.43 -9.03
CA GLY A 245 4.73 -9.32 -9.65
C GLY A 245 3.93 -9.76 -10.86
N GLY A 246 3.38 -10.98 -10.82
CA GLY A 246 2.39 -11.40 -11.80
C GLY A 246 1.13 -10.56 -11.65
N SER A 247 0.39 -10.39 -12.76
CA SER A 247 -0.84 -9.60 -12.76
C SER A 247 -2.01 -10.54 -12.53
N PRO A 248 -2.89 -10.24 -11.55
CA PRO A 248 -4.05 -11.08 -11.28
C PRO A 248 -5.05 -10.88 -12.42
N TYR A 249 -5.60 -12.00 -12.90
CA TYR A 249 -6.67 -11.97 -13.89
C TYR A 249 -6.22 -11.14 -15.09
N PRO A 250 -5.15 -11.57 -15.80
CA PRO A 250 -4.49 -10.70 -16.77
C PRO A 250 -5.40 -10.52 -17.99
N GLY A 251 -5.70 -9.26 -18.32
CA GLY A 251 -6.48 -8.95 -19.50
C GLY A 251 -7.99 -9.13 -19.32
N ILE A 252 -8.39 -9.93 -18.32
CA ILE A 252 -9.79 -10.26 -18.10
C ILE A 252 -10.58 -9.01 -17.66
N PRO A 253 -11.67 -8.66 -18.38
CA PRO A 253 -12.37 -7.40 -18.14
C PRO A 253 -13.29 -7.53 -16.93
N VAL A 254 -13.76 -6.39 -16.40
CA VAL A 254 -14.48 -6.38 -15.12
C VAL A 254 -15.76 -7.19 -15.24
N GLU A 255 -16.37 -7.14 -16.42
CA GLU A 255 -17.50 -7.99 -16.78
C GLU A 255 -17.29 -9.39 -16.20
N GLU A 256 -16.06 -9.90 -16.37
CA GLU A 256 -15.76 -11.32 -16.28
C GLU A 256 -15.22 -11.69 -14.89
N LEU A 257 -14.51 -10.75 -14.25
CA LEU A 257 -14.09 -10.91 -12.87
C LEU A 257 -15.31 -11.29 -12.04
N PHE A 258 -16.32 -10.40 -12.08
CA PHE A 258 -17.62 -10.58 -11.46
C PHE A 258 -18.07 -12.04 -11.62
N LYS A 259 -18.13 -12.49 -12.88
CA LYS A 259 -18.62 -13.82 -13.20
C LYS A 259 -17.81 -14.85 -12.41
N LEU A 260 -16.49 -14.73 -12.49
CA LEU A 260 -15.59 -15.72 -11.93
C LEU A 260 -15.75 -15.78 -10.41
N LEU A 261 -15.89 -14.59 -9.78
CA LEU A 261 -16.01 -14.49 -8.34
C LEU A 261 -17.31 -15.13 -7.87
N LYS A 262 -18.42 -14.75 -8.51
CA LYS A 262 -19.75 -15.26 -8.20
C LYS A 262 -19.75 -16.79 -8.23
N GLU A 263 -18.86 -17.38 -9.04
CA GLU A 263 -18.76 -18.82 -9.11
C GLU A 263 -17.77 -19.37 -8.09
N GLY A 264 -17.03 -18.48 -7.42
CA GLY A 264 -16.08 -18.91 -6.41
C GLY A 264 -14.79 -19.47 -7.00
N HIS A 265 -14.39 -18.96 -8.16
CA HIS A 265 -13.06 -19.25 -8.68
C HIS A 265 -12.01 -18.67 -7.73
N ARG A 266 -10.86 -19.37 -7.66
CA ARG A 266 -9.69 -18.91 -6.93
C ARG A 266 -8.46 -19.04 -7.82
N MET A 267 -7.52 -18.10 -7.67
CA MET A 267 -6.29 -18.10 -8.43
C MET A 267 -5.46 -19.32 -8.08
N ASP A 268 -4.70 -19.83 -9.06
CA ASP A 268 -3.90 -21.04 -8.92
C ASP A 268 -2.68 -20.75 -8.04
N LYS A 269 -2.09 -21.82 -7.50
CA LYS A 269 -0.88 -21.75 -6.70
C LYS A 269 0.34 -21.43 -7.58
N PRO A 270 1.13 -20.38 -7.26
CA PRO A 270 2.33 -20.09 -8.03
C PRO A 270 3.35 -21.19 -7.80
N ALA A 271 4.20 -21.40 -8.81
CA ALA A 271 5.24 -22.42 -8.80
C ALA A 271 6.08 -22.23 -7.54
N ASN A 272 6.46 -20.98 -7.28
CA ASN A 272 7.39 -20.62 -6.21
C ASN A 272 6.74 -20.78 -4.85
N CYS A 273 5.42 -20.90 -4.83
CA CYS A 273 4.69 -21.00 -3.58
C CYS A 273 4.80 -22.41 -2.99
N THR A 274 5.16 -22.51 -1.70
CA THR A 274 5.03 -23.76 -0.96
C THR A 274 3.56 -23.98 -0.60
N HIS A 275 3.23 -25.23 -0.26
CA HIS A 275 1.86 -25.61 0.04
C HIS A 275 1.34 -24.82 1.24
N ASP A 276 2.19 -24.70 2.26
CA ASP A 276 1.90 -23.93 3.47
C ASP A 276 1.36 -22.55 3.09
N LEU A 277 2.10 -21.86 2.21
CA LEU A 277 1.80 -20.47 1.87
C LEU A 277 0.54 -20.36 1.02
N TYR A 278 0.29 -21.37 0.18
CA TYR A 278 -0.95 -21.40 -0.58
C TYR A 278 -2.14 -21.52 0.36
N MET A 279 -1.93 -22.14 1.53
CA MET A 279 -3.04 -22.33 2.46
C MET A 279 -3.38 -20.99 3.11
N ILE A 280 -2.33 -20.26 3.49
CA ILE A 280 -2.49 -18.92 4.01
C ILE A 280 -3.23 -18.06 2.97
N MET A 281 -2.78 -18.16 1.71
CA MET A 281 -3.41 -17.49 0.57
C MET A 281 -4.91 -17.79 0.51
N ARG A 282 -5.26 -19.08 0.39
CA ARG A 282 -6.63 -19.52 0.17
C ARG A 282 -7.54 -19.14 1.35
N GLU A 283 -6.94 -19.17 2.54
CA GLU A 283 -7.55 -18.78 3.80
C GLU A 283 -8.04 -17.33 3.72
N CYS A 284 -7.23 -16.45 3.11
CA CYS A 284 -7.61 -15.06 2.91
C CYS A 284 -8.79 -14.99 1.93
N TRP A 285 -9.03 -16.07 1.16
CA TRP A 285 -10.09 -16.03 0.17
C TRP A 285 -11.33 -16.85 0.55
N HIS A 286 -11.63 -16.98 1.85
CA HIS A 286 -12.93 -17.52 2.22
C HIS A 286 -14.03 -16.57 1.75
N ALA A 287 -15.13 -17.16 1.27
CA ALA A 287 -16.34 -16.42 0.92
C ALA A 287 -16.78 -15.57 2.09
N ALA A 288 -16.91 -16.19 3.27
CA ALA A 288 -17.41 -15.50 4.45
C ALA A 288 -16.28 -14.70 5.10
N PRO A 289 -16.39 -13.35 5.14
CA PRO A 289 -15.35 -12.49 5.71
C PRO A 289 -14.78 -12.96 7.05
N SER A 290 -15.68 -13.39 7.93
CA SER A 290 -15.39 -13.71 9.33
C SER A 290 -14.58 -15.00 9.44
N GLN A 291 -14.55 -15.78 8.36
CA GLN A 291 -13.76 -17.01 8.32
C GLN A 291 -12.34 -16.73 7.83
N ARG A 292 -12.06 -15.48 7.47
CA ARG A 292 -10.69 -15.13 7.09
C ARG A 292 -9.89 -14.88 8.36
N PRO A 293 -8.56 -15.10 8.38
CA PRO A 293 -7.75 -14.74 9.54
C PRO A 293 -7.72 -13.21 9.67
N THR A 294 -7.38 -12.75 10.87
CA THR A 294 -7.06 -11.34 11.04
C THR A 294 -5.61 -11.16 10.58
N PHE A 295 -5.21 -9.89 10.44
CA PHE A 295 -3.82 -9.56 10.17
C PHE A 295 -2.95 -10.05 11.32
N LYS A 296 -3.49 -10.01 12.54
CA LYS A 296 -2.80 -10.55 13.71
C LYS A 296 -2.39 -11.99 13.43
N GLN A 297 -3.36 -12.82 13.03
CA GLN A 297 -3.10 -14.21 12.69
C GLN A 297 -2.14 -14.35 11.52
N LEU A 298 -2.28 -13.49 10.49
CA LEU A 298 -1.43 -13.56 9.32
C LEU A 298 0.02 -13.32 9.69
N VAL A 299 0.24 -12.36 10.58
CA VAL A 299 1.58 -12.13 11.11
C VAL A 299 2.07 -13.42 11.75
N GLU A 300 1.24 -14.04 12.59
CA GLU A 300 1.66 -15.24 13.30
C GLU A 300 2.10 -16.30 12.29
N ASP A 301 1.20 -16.55 11.33
CA ASP A 301 1.35 -17.59 10.33
C ASP A 301 2.61 -17.35 9.49
N LEU A 302 2.89 -16.08 9.16
CA LEU A 302 4.04 -15.78 8.32
C LEU A 302 5.32 -15.82 9.14
N ASP A 303 5.20 -15.50 10.44
CA ASP A 303 6.33 -15.59 11.33
C ASP A 303 6.82 -17.04 11.37
N ARG A 304 5.90 -17.94 11.71
CA ARG A 304 6.08 -19.39 11.69
C ARG A 304 6.82 -19.83 10.43
N VAL A 305 6.27 -19.47 9.28
CA VAL A 305 6.77 -19.89 7.98
C VAL A 305 8.14 -19.27 7.74
N LEU A 306 8.30 -18.02 8.16
CA LEU A 306 9.60 -17.37 8.10
C LEU A 306 10.58 -18.16 8.97
N THR A 307 10.06 -18.71 10.08
CA THR A 307 10.82 -19.43 11.10
C THR A 307 11.35 -20.77 10.57
N VAL A 308 10.47 -21.57 9.92
CA VAL A 308 10.83 -22.91 9.48
C VAL A 308 11.80 -22.87 8.29
N THR A 309 11.74 -21.81 7.47
CA THR A 309 12.58 -21.69 6.28
C THR A 309 14.05 -21.89 6.64
#